data_2RID
#
_entry.id   2RID
#
_cell.length_a   55.603
_cell.length_b   108.615
_cell.length_c   55.628
_cell.angle_alpha   90.000
_cell.angle_beta   90.910
_cell.angle_gamma   90.000
#
_symmetry.space_group_name_H-M   'P 1 21 1'
#
loop_
_entity.id
_entity.type
_entity.pdbx_description
1 polymer 'Pulmonary surfactant-associated protein D'
2 non-polymer 'CALCIUM ION'
3 non-polymer 'prop-2-en-1-yl 7-O-carbamoyl-L-glycero-alpha-D-manno-heptopyranoside'
4 water water
#
_entity_poly.entity_id   1
_entity_poly.type   'polypeptide(L)'
_entity_poly.pdbx_seq_one_letter_code
;AMADIGSDVASLRQQVEALQGQVQHLQAAFSQYKKVELFPNGQSVGEKIFKTAGFVKPFTEAQLLCTQAGGQLASPRSAA
ENAALQQLVVAKNEAAFLSMTDSKTEGKFTYPTGESLVYSNWAPGEPNDDGGSEDCVEIFTNGKWNDRACGEKRLVVCEF
;
_entity_poly.pdbx_strand_id   A,B,C
#
# COMPACT_ATOMS: atom_id res chain seq x y z
N GLN A 14 35.01 12.85 -13.32
CA GLN A 14 33.76 12.41 -13.99
C GLN A 14 32.92 11.53 -13.07
N GLN A 15 33.51 11.12 -11.95
CA GLN A 15 32.80 10.28 -10.99
C GLN A 15 31.60 11.05 -10.43
N VAL A 16 31.79 12.34 -10.20
CA VAL A 16 30.74 13.19 -9.68
C VAL A 16 29.58 13.21 -10.68
N GLU A 17 29.91 13.41 -11.96
CA GLU A 17 28.92 13.45 -13.02
C GLU A 17 28.17 12.12 -13.07
N ALA A 18 28.92 11.02 -13.00
CA ALA A 18 28.35 9.69 -13.03
C ALA A 18 27.43 9.47 -11.84
N LEU A 19 27.97 9.64 -10.64
CA LEU A 19 27.20 9.44 -9.42
C LEU A 19 25.93 10.29 -9.40
N GLN A 20 26.00 11.48 -9.98
CA GLN A 20 24.84 12.37 -10.01
C GLN A 20 23.79 11.81 -10.97
N GLY A 21 24.25 11.10 -12.00
CA GLY A 21 23.33 10.50 -12.95
C GLY A 21 22.56 9.40 -12.26
N GLN A 22 23.26 8.61 -11.45
CA GLN A 22 22.62 7.52 -10.71
C GLN A 22 21.65 8.09 -9.69
N VAL A 23 22.07 9.14 -9.00
CA VAL A 23 21.23 9.77 -8.00
C VAL A 23 19.97 10.38 -8.62
N GLN A 24 20.13 11.06 -9.75
CA GLN A 24 18.97 11.67 -10.39
C GLN A 24 18.06 10.59 -10.98
N HIS A 25 18.65 9.47 -11.39
CA HIS A 25 17.85 8.36 -11.90
C HIS A 25 17.09 7.78 -10.70
N LEU A 26 17.72 7.86 -9.53
CA LEU A 26 17.11 7.35 -8.30
C LEU A 26 15.98 8.27 -7.88
N GLN A 27 16.17 9.58 -8.07
CA GLN A 27 15.13 10.55 -7.72
C GLN A 27 13.89 10.30 -8.57
N ALA A 28 14.10 9.99 -9.84
CA ALA A 28 12.99 9.73 -10.74
C ALA A 28 12.23 8.47 -10.34
N ALA A 29 12.96 7.40 -10.09
CA ALA A 29 12.34 6.14 -9.69
C ALA A 29 11.62 6.29 -8.37
N PHE A 30 12.23 7.01 -7.43
CA PHE A 30 11.62 7.20 -6.13
C PHE A 30 10.35 8.04 -6.22
N SER A 31 10.38 9.08 -7.04
CA SER A 31 9.22 9.94 -7.21
C SER A 31 8.05 9.14 -7.77
N GLN A 32 8.34 8.23 -8.69
CA GLN A 32 7.29 7.41 -9.28
C GLN A 32 6.71 6.47 -8.22
N TYR A 33 7.59 5.83 -7.45
CA TYR A 33 7.11 4.90 -6.42
C TYR A 33 6.34 5.58 -5.29
N LYS A 34 6.57 6.88 -5.09
CA LYS A 34 5.86 7.59 -4.04
C LYS A 34 4.41 7.79 -4.47
N LYS A 35 4.19 8.16 -5.73
CA LYS A 35 2.83 8.35 -6.21
C LYS A 35 2.07 7.02 -6.16
N VAL A 36 2.75 5.94 -6.52
CA VAL A 36 2.14 4.61 -6.50
C VAL A 36 1.77 4.24 -5.05
N GLU A 37 2.71 4.49 -4.14
CA GLU A 37 2.49 4.20 -2.73
C GLU A 37 1.25 4.90 -2.14
N LEU A 38 1.08 6.17 -2.48
CA LEU A 38 -0.03 6.98 -1.95
C LEU A 38 -1.41 6.67 -2.52
N PHE A 39 -1.45 6.01 -3.67
CA PHE A 39 -2.73 5.68 -4.26
C PHE A 39 -3.15 4.29 -3.75
N PRO A 40 -4.37 4.16 -3.18
CA PRO A 40 -5.40 5.18 -2.98
C PRO A 40 -5.61 5.53 -1.49
N ASN A 41 -4.70 5.11 -0.63
CA ASN A 41 -4.87 5.36 0.80
C ASN A 41 -4.02 6.41 1.48
N GLY A 42 -3.30 7.21 0.70
CA GLY A 42 -2.47 8.25 1.28
C GLY A 42 -2.62 9.59 0.61
N GLN A 43 -2.19 10.65 1.30
CA GLN A 43 -2.25 12.03 0.78
C GLN A 43 -1.04 12.80 1.28
N SER A 44 -0.32 13.44 0.36
CA SER A 44 0.85 14.23 0.74
C SER A 44 0.50 15.72 0.66
N VAL A 45 0.94 16.47 1.66
CA VAL A 45 0.71 17.90 1.70
C VAL A 45 1.95 18.48 2.36
N GLY A 46 2.68 19.30 1.60
CA GLY A 46 3.91 19.87 2.13
C GLY A 46 4.87 18.70 2.36
N GLU A 47 5.49 18.66 3.54
CA GLU A 47 6.43 17.59 3.86
C GLU A 47 5.75 16.50 4.68
N LYS A 48 4.44 16.63 4.85
CA LYS A 48 3.67 15.66 5.63
C LYS A 48 2.90 14.68 4.75
N ILE A 49 2.71 13.47 5.25
CA ILE A 49 1.98 12.44 4.52
C ILE A 49 0.94 11.81 5.44
N PHE A 50 -0.30 11.79 4.97
CA PHE A 50 -1.41 11.17 5.71
C PHE A 50 -1.64 9.81 5.06
N LYS A 51 -1.89 8.80 5.89
CA LYS A 51 -2.20 7.47 5.36
C LYS A 51 -3.19 6.78 6.27
N THR A 52 -4.25 6.26 5.67
CA THR A 52 -5.29 5.57 6.43
C THR A 52 -5.06 4.06 6.44
N ALA A 53 -5.41 3.43 7.55
CA ALA A 53 -5.27 1.98 7.68
C ALA A 53 -6.41 1.32 6.93
N GLY A 54 -7.46 2.09 6.64
CA GLY A 54 -8.61 1.56 5.93
C GLY A 54 -9.69 0.97 6.80
N PHE A 55 -9.45 0.91 8.12
CA PHE A 55 -10.43 0.36 9.05
C PHE A 55 -10.62 1.27 10.26
N VAL A 56 -11.65 1.01 11.07
CA VAL A 56 -11.91 1.83 12.25
C VAL A 56 -11.43 1.20 13.55
N LYS A 57 -11.16 2.04 14.54
CA LYS A 57 -10.68 1.62 15.85
C LYS A 57 -10.98 2.70 16.89
N PRO A 58 -11.08 2.33 18.17
CA PRO A 58 -11.35 3.33 19.21
C PRO A 58 -10.08 4.19 19.30
N PHE A 59 -10.18 5.39 19.84
CA PHE A 59 -9.03 6.29 19.93
C PHE A 59 -7.71 5.67 20.43
N THR A 60 -7.74 5.06 21.62
CA THR A 60 -6.53 4.48 22.17
C THR A 60 -5.86 3.49 21.24
N GLU A 61 -6.64 2.59 20.65
CA GLU A 61 -6.09 1.61 19.73
C GLU A 61 -5.53 2.26 18.46
N ALA A 62 -6.24 3.26 17.95
CA ALA A 62 -5.80 3.97 16.75
C ALA A 62 -4.50 4.72 17.02
N GLN A 63 -4.42 5.33 18.20
CA GLN A 63 -3.24 6.08 18.61
C GLN A 63 -2.04 5.15 18.71
N LEU A 64 -2.24 3.98 19.31
CA LEU A 64 -1.15 3.01 19.46
C LEU A 64 -0.63 2.53 18.11
N LEU A 65 -1.55 2.28 17.17
CA LEU A 65 -1.15 1.85 15.84
C LEU A 65 -0.22 2.86 15.17
N CYS A 66 -0.59 4.13 15.21
CA CYS A 66 0.23 5.16 14.58
C CYS A 66 1.60 5.31 15.24
N THR A 67 1.62 5.37 16.57
CA THR A 67 2.88 5.50 17.28
C THR A 67 3.76 4.30 17.01
N GLN A 68 3.16 3.11 16.99
CA GLN A 68 3.92 1.90 16.72
C GLN A 68 4.46 1.87 15.30
N ALA A 69 3.81 2.60 14.39
CA ALA A 69 4.23 2.67 13.00
C ALA A 69 5.26 3.79 12.79
N GLY A 70 5.61 4.48 13.88
CA GLY A 70 6.60 5.54 13.78
C GLY A 70 6.03 6.90 13.42
N GLY A 71 4.71 7.05 13.57
CA GLY A 71 4.09 8.33 13.27
C GLY A 71 3.19 8.72 14.43
N GLN A 72 2.07 9.35 14.11
CA GLN A 72 1.09 9.73 15.13
C GLN A 72 -0.24 9.95 14.43
N LEU A 73 -1.29 10.12 15.20
CA LEU A 73 -2.61 10.33 14.60
C LEU A 73 -2.61 11.62 13.77
N ALA A 74 -3.47 11.67 12.76
CA ALA A 74 -3.58 12.84 11.90
C ALA A 74 -3.72 14.10 12.76
N SER A 75 -2.87 15.08 12.49
CA SER A 75 -2.87 16.35 13.23
C SER A 75 -2.79 17.53 12.27
N PRO A 76 -3.90 17.84 11.57
CA PRO A 76 -3.88 18.96 10.63
C PRO A 76 -3.61 20.30 11.32
N ARG A 77 -2.53 20.97 10.90
CA ARG A 77 -2.15 22.25 11.50
C ARG A 77 -2.42 23.47 10.63
N SER A 78 -3.11 23.28 9.51
CA SER A 78 -3.43 24.39 8.61
C SER A 78 -4.61 23.98 7.73
N ALA A 79 -5.21 24.96 7.07
CA ALA A 79 -6.33 24.69 6.20
C ALA A 79 -5.90 23.73 5.10
N ALA A 80 -4.68 23.90 4.62
CA ALA A 80 -4.14 23.05 3.56
C ALA A 80 -4.05 21.59 4.03
N GLU A 81 -3.52 21.38 5.23
CA GLU A 81 -3.41 20.01 5.74
C GLU A 81 -4.78 19.42 5.99
N ASN A 82 -5.71 20.25 6.45
CA ASN A 82 -7.05 19.76 6.72
C ASN A 82 -7.72 19.32 5.43
N ALA A 83 -7.50 20.06 4.36
CA ALA A 83 -8.10 19.74 3.06
C ALA A 83 -7.58 18.42 2.52
N ALA A 84 -6.30 18.15 2.72
CA ALA A 84 -5.68 16.91 2.26
C ALA A 84 -6.23 15.73 3.05
N LEU A 85 -6.36 15.89 4.36
CA LEU A 85 -6.89 14.83 5.21
C LEU A 85 -8.34 14.58 4.82
N GLN A 86 -9.07 15.66 4.55
CA GLN A 86 -10.46 15.57 4.16
C GLN A 86 -10.67 14.69 2.93
N GLN A 87 -9.68 14.65 2.03
CA GLN A 87 -9.79 13.82 0.84
C GLN A 87 -9.87 12.34 1.18
N LEU A 88 -9.05 11.91 2.16
CA LEU A 88 -9.06 10.51 2.57
C LEU A 88 -10.36 10.14 3.24
N VAL A 89 -10.85 11.03 4.10
CA VAL A 89 -12.11 10.79 4.79
C VAL A 89 -13.23 10.67 3.77
N VAL A 90 -13.24 11.58 2.79
CA VAL A 90 -14.25 11.58 1.73
C VAL A 90 -14.16 10.31 0.88
N ALA A 91 -12.94 9.93 0.50
CA ALA A 91 -12.73 8.74 -0.32
C ALA A 91 -13.17 7.47 0.41
N LYS A 92 -12.94 7.43 1.73
CA LYS A 92 -13.30 6.27 2.53
C LYS A 92 -14.72 6.39 3.08
N ASN A 93 -15.27 7.59 3.00
CA ASN A 93 -16.62 7.87 3.49
C ASN A 93 -16.77 7.45 4.95
N GLU A 94 -15.74 7.72 5.72
CA GLU A 94 -15.73 7.40 7.15
C GLU A 94 -15.02 8.51 7.90
N ALA A 95 -15.70 9.08 8.90
CA ALA A 95 -15.10 10.14 9.71
C ALA A 95 -13.86 9.55 10.41
N ALA A 96 -12.85 10.38 10.64
CA ALA A 96 -11.64 9.91 11.27
C ALA A 96 -11.25 10.65 12.55
N PHE A 97 -10.50 9.97 13.41
CA PHE A 97 -10.03 10.57 14.64
C PHE A 97 -8.80 11.42 14.34
N LEU A 98 -8.65 12.52 15.07
CA LEU A 98 -7.48 13.36 14.95
C LEU A 98 -6.67 12.99 16.19
N SER A 99 -5.47 13.52 16.35
CA SER A 99 -4.64 13.17 17.50
C SER A 99 -4.95 13.95 18.77
N MET A 100 -5.58 15.10 18.63
CA MET A 100 -5.85 15.97 19.77
C MET A 100 -6.97 15.57 20.74
N THR A 101 -6.74 15.86 22.02
CA THR A 101 -7.71 15.57 23.08
C THR A 101 -7.67 16.69 24.11
N ASP A 102 -8.70 16.78 24.94
CA ASP A 102 -8.72 17.79 25.99
C ASP A 102 -8.94 17.02 27.29
N SER A 103 -8.30 15.85 27.36
CA SER A 103 -8.38 14.95 28.51
C SER A 103 -7.72 15.52 29.76
N LYS A 104 -6.61 16.21 29.58
CA LYS A 104 -5.89 16.79 30.71
C LYS A 104 -6.64 17.97 31.31
N THR A 105 -7.11 18.85 30.44
CA THR A 105 -7.86 20.03 30.87
C THR A 105 -9.10 20.18 29.99
N GLU A 106 -10.25 19.85 30.56
CA GLU A 106 -11.52 19.95 29.83
C GLU A 106 -11.65 21.29 29.13
N GLY A 107 -11.98 21.25 27.84
CA GLY A 107 -12.14 22.48 27.08
C GLY A 107 -10.90 22.94 26.35
N LYS A 108 -9.74 22.41 26.73
CA LYS A 108 -8.49 22.80 26.07
C LYS A 108 -7.87 21.63 25.31
N PHE A 109 -8.10 21.59 24.00
CA PHE A 109 -7.56 20.52 23.17
C PHE A 109 -6.07 20.72 22.86
N THR A 110 -5.31 19.65 22.97
CA THR A 110 -3.87 19.72 22.73
C THR A 110 -3.37 18.57 21.86
N TYR A 111 -2.17 18.75 21.33
CA TYR A 111 -1.53 17.72 20.51
C TYR A 111 -0.89 16.78 21.52
N PRO A 112 -0.47 15.58 21.07
CA PRO A 112 0.15 14.61 21.98
C PRO A 112 1.28 15.20 22.83
N THR A 113 1.97 16.20 22.28
CA THR A 113 3.08 16.85 22.96
C THR A 113 2.65 17.80 24.08
N GLY A 114 1.36 18.10 24.15
CA GLY A 114 0.87 19.01 25.17
C GLY A 114 0.66 20.40 24.63
N GLU A 115 1.18 20.66 23.43
CA GLU A 115 1.02 21.96 22.80
C GLU A 115 -0.44 22.20 22.43
N SER A 116 -0.93 23.42 22.69
CA SER A 116 -2.30 23.77 22.38
C SER A 116 -2.44 23.95 20.86
N LEU A 117 -3.67 23.81 20.35
CA LEU A 117 -3.93 23.93 18.92
C LEU A 117 -3.43 25.21 18.27
N VAL A 118 -2.97 25.09 17.02
CA VAL A 118 -2.49 26.23 16.25
C VAL A 118 -3.44 26.41 15.06
N TYR A 119 -4.43 25.52 15.00
CA TYR A 119 -5.44 25.52 13.94
C TYR A 119 -6.63 24.68 14.38
N SER A 120 -7.83 25.08 13.97
CA SER A 120 -9.04 24.34 14.30
C SER A 120 -10.08 24.55 13.20
N ASN A 121 -10.99 23.60 13.07
CA ASN A 121 -12.05 23.69 12.07
C ASN A 121 -13.33 23.10 12.62
N TRP A 122 -13.69 23.54 13.83
CA TRP A 122 -14.89 23.07 14.51
C TRP A 122 -16.16 23.36 13.74
N ALA A 123 -17.05 22.37 13.69
CA ALA A 123 -18.33 22.54 13.03
C ALA A 123 -19.12 23.45 13.97
N PRO A 124 -20.08 24.21 13.42
CA PRO A 124 -20.89 25.12 14.26
C PRO A 124 -21.45 24.40 15.48
N GLY A 125 -21.31 25.02 16.64
CA GLY A 125 -21.80 24.44 17.87
C GLY A 125 -20.81 23.53 18.58
N GLU A 126 -19.65 23.33 17.97
CA GLU A 126 -18.60 22.47 18.53
C GLU A 126 -17.37 23.27 18.94
N PRO A 127 -16.59 22.78 19.91
CA PRO A 127 -16.75 21.53 20.67
C PRO A 127 -17.72 21.76 21.82
N ASN A 128 -18.62 20.82 22.05
CA ASN A 128 -19.61 20.98 23.12
C ASN A 128 -19.56 19.98 24.28
N ASP A 129 -18.59 19.07 24.26
CA ASP A 129 -18.47 18.06 25.32
C ASP A 129 -19.85 17.47 25.62
N ASP A 130 -20.57 17.10 24.57
CA ASP A 130 -21.91 16.55 24.74
C ASP A 130 -21.93 15.30 25.60
N GLY A 131 -22.91 15.22 26.50
CA GLY A 131 -23.02 14.08 27.37
C GLY A 131 -22.08 14.19 28.56
N GLY A 132 -21.18 15.15 28.51
CA GLY A 132 -20.24 15.34 29.60
C GLY A 132 -18.97 14.53 29.45
N SER A 133 -18.77 13.93 28.28
CA SER A 133 -17.57 13.12 28.06
C SER A 133 -17.17 12.93 26.59
N GLU A 134 -16.75 14.00 25.95
CA GLU A 134 -16.28 13.94 24.56
C GLU A 134 -14.92 14.63 24.55
N ASP A 135 -13.86 13.84 24.71
CA ASP A 135 -12.51 14.38 24.78
C ASP A 135 -11.63 14.12 23.56
N CYS A 136 -12.18 13.49 22.53
CA CYS A 136 -11.43 13.23 21.32
C CYS A 136 -12.06 14.04 20.18
N VAL A 137 -11.39 14.06 19.03
CA VAL A 137 -11.88 14.83 17.89
C VAL A 137 -12.00 14.01 16.63
N GLU A 138 -13.12 14.16 15.94
CA GLU A 138 -13.35 13.44 14.68
C GLU A 138 -13.50 14.49 13.57
N ILE A 139 -13.07 14.13 12.37
CA ILE A 139 -13.21 15.02 11.23
C ILE A 139 -14.18 14.38 10.26
N PHE A 140 -15.21 15.14 9.87
CA PHE A 140 -16.23 14.65 8.95
C PHE A 140 -15.80 14.72 7.49
N THR A 141 -16.62 14.13 6.63
CA THR A 141 -16.36 14.14 5.20
C THR A 141 -16.39 15.56 4.66
N ASN A 142 -17.03 16.47 5.38
CA ASN A 142 -17.09 17.86 4.94
C ASN A 142 -15.90 18.65 5.49
N GLY A 143 -14.98 17.95 6.15
CA GLY A 143 -13.78 18.59 6.67
C GLY A 143 -13.91 19.27 8.03
N LYS A 144 -15.11 19.40 8.56
CA LYS A 144 -15.31 20.05 9.86
C LYS A 144 -15.03 19.12 11.03
N TRP A 145 -14.69 19.70 12.18
CA TRP A 145 -14.39 18.92 13.37
C TRP A 145 -15.51 18.89 14.39
N ASN A 146 -15.54 17.81 15.16
CA ASN A 146 -16.52 17.61 16.22
C ASN A 146 -15.86 16.84 17.35
N ASP A 147 -16.03 17.28 18.61
CA ASP A 147 -15.44 16.50 19.69
C ASP A 147 -16.34 15.30 19.90
N ARG A 148 -15.74 14.15 20.15
CA ARG A 148 -16.51 12.92 20.28
C ARG A 148 -15.95 12.03 21.37
N ALA A 149 -16.77 11.10 21.86
CA ALA A 149 -16.33 10.18 22.90
C ALA A 149 -15.17 9.35 22.31
N CYS A 150 -14.10 9.23 23.07
CA CYS A 150 -12.91 8.50 22.64
C CYS A 150 -13.12 6.99 22.46
N GLY A 151 -14.16 6.45 23.09
CA GLY A 151 -14.43 5.03 23.00
C GLY A 151 -15.10 4.61 21.70
N GLU A 152 -15.55 5.59 20.93
CA GLU A 152 -16.21 5.31 19.66
C GLU A 152 -15.16 4.90 18.63
N LYS A 153 -15.59 4.19 17.60
CA LYS A 153 -14.68 3.74 16.55
C LYS A 153 -14.72 4.67 15.35
N ARG A 154 -13.55 5.10 14.90
CA ARG A 154 -13.45 5.99 13.75
C ARG A 154 -12.31 5.53 12.84
N LEU A 155 -12.31 6.02 11.60
CA LEU A 155 -11.27 5.64 10.64
C LEU A 155 -9.90 6.00 11.18
N VAL A 156 -8.96 5.05 11.09
CA VAL A 156 -7.61 5.27 11.57
C VAL A 156 -6.78 5.90 10.46
N VAL A 157 -6.29 7.11 10.71
CA VAL A 157 -5.46 7.82 9.75
C VAL A 157 -4.25 8.37 10.50
N CYS A 158 -3.06 7.96 10.07
CA CYS A 158 -1.83 8.42 10.70
C CYS A 158 -1.13 9.43 9.82
N GLU A 159 -0.22 10.20 10.41
CA GLU A 159 0.58 11.15 9.65
C GLU A 159 2.03 10.79 9.88
N PHE A 160 2.83 10.93 8.81
CA PHE A 160 4.26 10.63 8.84
C PHE A 160 5.05 11.79 8.24
N ALA B 10 41.52 16.81 -2.28
CA ALA B 10 41.78 15.75 -1.26
C ALA B 10 40.51 15.43 -0.48
N SER B 11 39.98 16.44 0.20
CA SER B 11 38.77 16.27 0.99
C SER B 11 37.58 15.93 0.10
N LEU B 12 37.59 16.46 -1.12
CA LEU B 12 36.50 16.21 -2.06
C LEU B 12 36.49 14.75 -2.53
N ARG B 13 37.67 14.14 -2.65
CA ARG B 13 37.75 12.76 -3.09
C ARG B 13 37.13 11.88 -2.01
N GLN B 14 37.36 12.25 -0.75
CA GLN B 14 36.83 11.51 0.38
C GLN B 14 35.30 11.64 0.42
N GLN B 15 34.80 12.81 0.03
CA GLN B 15 33.35 13.06 0.02
C GLN B 15 32.71 12.22 -1.07
N VAL B 16 33.36 12.16 -2.22
CA VAL B 16 32.85 11.38 -3.35
C VAL B 16 32.69 9.92 -2.94
N GLU B 17 33.75 9.36 -2.38
CA GLU B 17 33.72 7.96 -1.94
C GLU B 17 32.64 7.77 -0.87
N ALA B 18 32.38 8.82 -0.11
CA ALA B 18 31.37 8.77 0.95
C ALA B 18 29.99 8.68 0.28
N LEU B 19 29.79 9.50 -0.74
CA LEU B 19 28.53 9.52 -1.47
C LEU B 19 28.26 8.20 -2.17
N GLN B 20 29.31 7.56 -2.66
CA GLN B 20 29.16 6.27 -3.34
C GLN B 20 28.60 5.22 -2.39
N GLY B 21 29.07 5.21 -1.15
CA GLY B 21 28.58 4.26 -0.18
C GLY B 21 27.14 4.52 0.23
N GLN B 22 26.76 5.78 0.32
CA GLN B 22 25.38 6.13 0.69
C GLN B 22 24.44 5.80 -0.44
N VAL B 23 24.89 6.06 -1.67
CA VAL B 23 24.10 5.79 -2.85
C VAL B 23 23.84 4.29 -2.99
N GLN B 24 24.88 3.49 -2.82
CA GLN B 24 24.71 2.04 -2.93
C GLN B 24 23.69 1.54 -1.90
N HIS B 25 23.72 2.09 -0.70
CA HIS B 25 22.77 1.67 0.33
C HIS B 25 21.34 2.00 -0.10
N LEU B 26 21.16 3.20 -0.63
CA LEU B 26 19.83 3.63 -1.08
C LEU B 26 19.32 2.75 -2.21
N GLN B 27 20.20 2.40 -3.15
CA GLN B 27 19.79 1.58 -4.27
C GLN B 27 19.34 0.19 -3.81
N ALA B 28 20.07 -0.39 -2.89
CA ALA B 28 19.72 -1.72 -2.38
C ALA B 28 18.44 -1.68 -1.56
N ALA B 29 18.34 -0.72 -0.65
CA ALA B 29 17.16 -0.59 0.19
C ALA B 29 15.92 -0.33 -0.64
N PHE B 30 16.06 0.52 -1.65
CA PHE B 30 14.94 0.85 -2.53
C PHE B 30 14.51 -0.31 -3.41
N SER B 31 15.47 -1.11 -3.87
CA SER B 31 15.13 -2.25 -4.70
C SER B 31 14.24 -3.21 -3.91
N GLN B 32 14.51 -3.35 -2.62
CA GLN B 32 13.69 -4.25 -1.79
C GLN B 32 12.29 -3.66 -1.63
N TYR B 33 12.20 -2.37 -1.31
CA TYR B 33 10.90 -1.75 -1.14
C TYR B 33 10.04 -1.69 -2.39
N LYS B 34 10.65 -1.74 -3.56
CA LYS B 34 9.87 -1.70 -4.78
C LYS B 34 9.01 -2.97 -4.83
N LYS B 35 9.63 -4.11 -4.51
CA LYS B 35 8.93 -5.39 -4.51
C LYS B 35 7.84 -5.40 -3.45
N VAL B 36 8.17 -4.90 -2.26
CA VAL B 36 7.23 -4.84 -1.16
C VAL B 36 6.02 -3.99 -1.54
N GLU B 37 6.27 -2.83 -2.15
CA GLU B 37 5.21 -1.92 -2.57
C GLU B 37 4.24 -2.50 -3.59
N LEU B 38 4.76 -3.23 -4.57
CA LEU B 38 3.91 -3.79 -5.63
C LEU B 38 3.03 -4.95 -5.16
N PHE B 39 3.40 -5.57 -4.05
CA PHE B 39 2.62 -6.69 -3.53
C PHE B 39 1.51 -6.15 -2.62
N PRO B 40 0.25 -6.52 -2.87
CA PRO B 40 -0.27 -7.38 -3.93
C PRO B 40 -1.06 -6.66 -5.02
N ASN B 41 -1.13 -5.33 -4.94
CA ASN B 41 -1.94 -4.56 -5.88
C ASN B 41 -1.25 -3.84 -7.03
N GLY B 42 0.03 -4.13 -7.25
CA GLY B 42 0.72 -3.45 -8.33
C GLY B 42 1.40 -4.39 -9.30
N GLN B 43 1.73 -3.85 -10.47
CA GLN B 43 2.40 -4.60 -11.51
C GLN B 43 3.35 -3.67 -12.26
N SER B 44 4.61 -4.08 -12.34
CA SER B 44 5.63 -3.29 -13.04
C SER B 44 5.82 -3.89 -14.43
N VAL B 45 5.80 -3.04 -15.45
CA VAL B 45 6.02 -3.51 -16.82
C VAL B 45 6.81 -2.42 -17.53
N GLY B 46 8.08 -2.72 -17.84
CA GLY B 46 8.92 -1.72 -18.47
C GLY B 46 9.09 -0.59 -17.47
N GLU B 47 8.85 0.63 -17.90
CA GLU B 47 8.98 1.79 -17.00
C GLU B 47 7.62 2.28 -16.49
N LYS B 48 6.58 1.49 -16.73
CA LYS B 48 5.23 1.82 -16.29
C LYS B 48 4.80 0.95 -15.12
N ILE B 49 3.97 1.50 -14.24
CA ILE B 49 3.48 0.75 -13.09
C ILE B 49 1.96 0.85 -13.05
N PHE B 50 1.29 -0.30 -12.99
CA PHE B 50 -0.17 -0.35 -12.88
C PHE B 50 -0.45 -0.64 -11.41
N LYS B 51 -1.48 0.00 -10.85
CA LYS B 51 -1.85 -0.27 -9.46
C LYS B 51 -3.35 -0.15 -9.33
N THR B 52 -3.97 -1.16 -8.74
CA THR B 52 -5.41 -1.14 -8.56
C THR B 52 -5.79 -0.63 -7.18
N ALA B 53 -6.90 0.11 -7.12
CA ALA B 53 -7.39 0.65 -5.85
C ALA B 53 -8.09 -0.47 -5.09
N GLY B 54 -8.40 -1.56 -5.81
CA GLY B 54 -9.05 -2.68 -5.19
C GLY B 54 -10.57 -2.63 -5.11
N PHE B 55 -11.18 -1.58 -5.67
CA PHE B 55 -12.63 -1.44 -5.67
C PHE B 55 -13.13 -0.92 -7.01
N VAL B 56 -14.45 -0.90 -7.20
CA VAL B 56 -15.05 -0.46 -8.46
C VAL B 56 -15.67 0.94 -8.39
N LYS B 57 -15.69 1.62 -9.55
CA LYS B 57 -16.26 2.97 -9.65
C LYS B 57 -16.67 3.26 -11.10
N PRO B 58 -17.57 4.24 -11.30
CA PRO B 58 -18.00 4.60 -12.65
C PRO B 58 -16.79 5.26 -13.30
N PHE B 59 -16.75 5.30 -14.63
CA PHE B 59 -15.62 5.87 -15.35
C PHE B 59 -15.15 7.24 -14.87
N THR B 60 -16.04 8.23 -14.88
CA THR B 60 -15.68 9.59 -14.47
C THR B 60 -15.02 9.64 -13.09
N GLU B 61 -15.54 8.87 -12.14
CA GLU B 61 -14.97 8.86 -10.80
C GLU B 61 -13.61 8.19 -10.78
N ALA B 62 -13.47 7.10 -11.54
CA ALA B 62 -12.19 6.38 -11.60
C ALA B 62 -11.14 7.28 -12.24
N GLN B 63 -11.53 7.99 -13.29
CA GLN B 63 -10.63 8.88 -13.99
C GLN B 63 -10.11 9.95 -13.04
N LEU B 64 -11.02 10.56 -12.27
CA LEU B 64 -10.64 11.60 -11.33
C LEU B 64 -9.69 11.06 -10.26
N LEU B 65 -9.98 9.86 -9.74
CA LEU B 65 -9.11 9.27 -8.73
C LEU B 65 -7.67 9.16 -9.25
N CYS B 66 -7.52 8.63 -10.45
CA CYS B 66 -6.19 8.48 -11.03
C CYS B 66 -5.49 9.81 -11.29
N THR B 67 -6.21 10.76 -11.88
CA THR B 67 -5.62 12.05 -12.19
C THR B 67 -5.21 12.81 -10.93
N GLN B 68 -6.04 12.76 -9.90
CA GLN B 68 -5.71 13.45 -8.66
C GLN B 68 -4.51 12.82 -7.98
N ALA B 69 -4.27 11.54 -8.26
CA ALA B 69 -3.15 10.82 -7.67
C ALA B 69 -1.85 11.03 -8.45
N GLY B 70 -1.92 11.85 -9.50
CA GLY B 70 -0.73 12.12 -10.30
C GLY B 70 -0.49 11.16 -11.45
N GLY B 71 -1.50 10.36 -11.79
CA GLY B 71 -1.35 9.41 -12.89
C GLY B 71 -2.57 9.50 -13.78
N GLN B 72 -3.00 8.36 -14.30
CA GLN B 72 -4.19 8.31 -15.15
C GLN B 72 -4.66 6.86 -15.23
N LEU B 73 -5.86 6.65 -15.76
CA LEU B 73 -6.40 5.30 -15.88
C LEU B 73 -5.50 4.43 -16.72
N ALA B 74 -5.52 3.12 -16.44
CA ALA B 74 -4.69 2.16 -17.16
C ALA B 74 -4.81 2.38 -18.66
N SER B 75 -3.67 2.52 -19.33
CA SER B 75 -3.63 2.74 -20.79
C SER B 75 -2.60 1.83 -21.45
N PRO B 76 -2.88 0.51 -21.51
CA PRO B 76 -1.95 -0.44 -22.12
C PRO B 76 -1.66 -0.06 -23.56
N ARG B 77 -0.38 0.14 -23.88
CA ARG B 77 0.03 0.52 -25.23
C ARG B 77 0.81 -0.56 -25.97
N SER B 78 0.81 -1.77 -25.42
CA SER B 78 1.50 -2.91 -26.02
C SER B 78 0.92 -4.18 -25.42
N ALA B 79 1.20 -5.32 -26.04
CA ALA B 79 0.73 -6.60 -25.55
C ALA B 79 1.27 -6.85 -24.15
N ALA B 80 2.52 -6.48 -23.94
CA ALA B 80 3.18 -6.65 -22.65
C ALA B 80 2.45 -5.90 -21.54
N GLU B 81 2.12 -4.63 -21.79
CA GLU B 81 1.43 -3.86 -20.78
C GLU B 81 0.03 -4.41 -20.54
N ASN B 82 -0.62 -4.84 -21.63
CA ASN B 82 -1.97 -5.39 -21.51
C ASN B 82 -1.98 -6.64 -20.64
N ALA B 83 -0.98 -7.49 -20.80
CA ALA B 83 -0.88 -8.71 -20.02
C ALA B 83 -0.59 -8.39 -18.56
N ALA B 84 0.20 -7.35 -18.32
CA ALA B 84 0.54 -6.97 -16.97
C ALA B 84 -0.73 -6.50 -16.27
N LEU B 85 -1.54 -5.73 -17.00
CA LEU B 85 -2.80 -5.22 -16.47
C LEU B 85 -3.75 -6.38 -16.22
N GLN B 86 -3.79 -7.31 -17.17
CA GLN B 86 -4.67 -8.47 -17.04
C GLN B 86 -4.40 -9.24 -15.75
N GLN B 87 -3.14 -9.30 -15.34
CA GLN B 87 -2.79 -10.01 -14.11
C GLN B 87 -3.54 -9.43 -12.91
N LEU B 88 -3.65 -8.12 -12.85
CA LEU B 88 -4.37 -7.45 -11.76
C LEU B 88 -5.87 -7.72 -11.85
N VAL B 89 -6.40 -7.74 -13.07
CA VAL B 89 -7.82 -8.01 -13.28
C VAL B 89 -8.14 -9.42 -12.82
N VAL B 90 -7.28 -10.37 -13.18
CA VAL B 90 -7.44 -11.76 -12.81
C VAL B 90 -7.35 -11.93 -11.30
N ALA B 91 -6.38 -11.24 -10.69
CA ALA B 91 -6.18 -11.34 -9.25
C ALA B 91 -7.40 -10.86 -8.46
N LYS B 92 -7.98 -9.74 -8.90
CA LYS B 92 -9.14 -9.18 -8.23
C LYS B 92 -10.45 -9.74 -8.79
N ASN B 93 -10.34 -10.48 -9.89
CA ASN B 93 -11.48 -11.08 -10.55
C ASN B 93 -12.57 -10.05 -10.83
N GLU B 94 -12.14 -8.88 -11.31
CA GLU B 94 -13.05 -7.78 -11.64
C GLU B 94 -12.55 -7.06 -12.89
N ALA B 95 -13.37 -7.03 -13.94
CA ALA B 95 -12.99 -6.34 -15.17
C ALA B 95 -12.71 -4.90 -14.77
N ALA B 96 -11.76 -4.26 -15.45
CA ALA B 96 -11.38 -2.89 -15.15
C ALA B 96 -11.61 -1.94 -16.32
N PHE B 97 -11.68 -0.65 -16.01
CA PHE B 97 -11.84 0.38 -17.03
C PHE B 97 -10.47 0.79 -17.54
N LEU B 98 -10.41 1.12 -18.83
CA LEU B 98 -9.18 1.62 -19.41
C LEU B 98 -9.44 3.13 -19.46
N SER B 99 -8.43 3.91 -19.85
CA SER B 99 -8.60 5.36 -19.90
C SER B 99 -9.20 5.89 -21.19
N MET B 100 -9.17 5.05 -22.23
CA MET B 100 -9.64 5.47 -23.54
C MET B 100 -11.14 5.46 -23.79
N THR B 101 -11.60 6.45 -24.57
CA THR B 101 -13.02 6.58 -24.91
C THR B 101 -13.16 7.13 -26.32
N ASP B 102 -14.38 7.10 -26.85
CA ASP B 102 -14.63 7.69 -28.16
C ASP B 102 -15.78 8.67 -27.96
N SER B 103 -15.72 9.35 -26.81
CA SER B 103 -16.71 10.34 -26.40
C SER B 103 -16.69 11.58 -27.28
N LYS B 104 -15.54 11.90 -27.85
CA LYS B 104 -15.43 13.08 -28.71
C LYS B 104 -15.98 12.77 -30.10
N THR B 105 -15.50 11.67 -30.69
CA THR B 105 -15.97 11.27 -32.00
C THR B 105 -16.26 9.78 -32.02
N GLU B 106 -17.55 9.44 -32.07
CA GLU B 106 -18.00 8.06 -32.09
C GLU B 106 -17.23 7.19 -33.09
N GLY B 107 -16.69 6.09 -32.60
CA GLY B 107 -15.94 5.19 -33.46
C GLY B 107 -14.44 5.41 -33.42
N LYS B 108 -14.02 6.54 -32.86
CA LYS B 108 -12.58 6.83 -32.76
C LYS B 108 -12.12 6.92 -31.32
N PHE B 109 -11.57 5.82 -30.80
CA PHE B 109 -11.08 5.78 -29.44
C PHE B 109 -9.73 6.44 -29.30
N THR B 110 -9.58 7.27 -28.27
CA THR B 110 -8.35 7.99 -28.03
C THR B 110 -7.93 7.98 -26.56
N TYR B 111 -6.67 8.31 -26.32
CA TYR B 111 -6.13 8.39 -24.97
C TYR B 111 -6.60 9.73 -24.42
N PRO B 112 -6.44 9.95 -23.10
CA PRO B 112 -6.86 11.22 -22.50
C PRO B 112 -6.27 12.44 -23.19
N THR B 113 -5.16 12.23 -23.90
CA THR B 113 -4.48 13.31 -24.61
C THR B 113 -5.04 13.58 -26.01
N GLY B 114 -6.01 12.76 -26.44
CA GLY B 114 -6.60 12.95 -27.75
C GLY B 114 -5.89 12.15 -28.84
N GLU B 115 -4.80 11.50 -28.47
CA GLU B 115 -4.03 10.69 -29.41
C GLU B 115 -4.76 9.39 -29.71
N SER B 116 -4.70 8.94 -30.97
CA SER B 116 -5.36 7.69 -31.36
C SER B 116 -4.60 6.51 -30.77
N LEU B 117 -5.30 5.38 -30.62
CA LEU B 117 -4.69 4.17 -30.06
C LEU B 117 -3.51 3.66 -30.87
N VAL B 118 -2.49 3.17 -30.17
CA VAL B 118 -1.31 2.61 -30.82
C VAL B 118 -1.32 1.09 -30.61
N TYR B 119 -2.34 0.63 -29.89
CA TYR B 119 -2.52 -0.78 -29.59
C TYR B 119 -3.97 -1.01 -29.16
N SER B 120 -4.51 -2.19 -29.47
CA SER B 120 -5.85 -2.54 -29.06
C SER B 120 -5.98 -4.06 -29.01
N ASN B 121 -6.85 -4.55 -28.15
CA ASN B 121 -7.04 -5.99 -28.02
C ASN B 121 -8.53 -6.30 -27.90
N TRP B 122 -9.30 -5.77 -28.85
CA TRP B 122 -10.75 -5.95 -28.87
C TRP B 122 -11.19 -7.40 -29.01
N ALA B 123 -12.22 -7.77 -28.27
CA ALA B 123 -12.77 -9.10 -28.40
C ALA B 123 -13.44 -9.04 -29.78
N PRO B 124 -13.67 -10.19 -30.42
CA PRO B 124 -14.29 -10.19 -31.74
C PRO B 124 -15.61 -9.42 -31.81
N GLY B 125 -15.76 -8.57 -32.82
CA GLY B 125 -16.97 -7.79 -32.99
C GLY B 125 -17.02 -6.48 -32.23
N GLU B 126 -16.01 -6.23 -31.40
CA GLU B 126 -15.95 -5.01 -30.60
C GLU B 126 -14.94 -4.04 -31.23
N PRO B 127 -15.14 -2.73 -31.04
CA PRO B 127 -16.22 -2.07 -30.29
C PRO B 127 -17.51 -2.08 -31.13
N ASN B 128 -18.66 -2.19 -30.47
CA ASN B 128 -19.92 -2.23 -31.21
C ASN B 128 -20.94 -1.18 -30.77
N ASP B 129 -20.54 -0.29 -29.86
CA ASP B 129 -21.41 0.76 -29.36
C ASP B 129 -22.83 0.22 -29.10
N ASP B 130 -22.90 -0.86 -28.34
CA ASP B 130 -24.18 -1.51 -28.04
C ASP B 130 -25.20 -0.51 -27.48
N GLY B 131 -26.42 -0.56 -28.02
CA GLY B 131 -27.48 0.33 -27.58
C GLY B 131 -27.18 1.78 -27.93
N GLY B 132 -26.17 1.98 -28.77
CA GLY B 132 -25.78 3.32 -29.17
C GLY B 132 -25.21 4.15 -28.02
N SER B 133 -24.72 3.50 -26.97
CA SER B 133 -24.20 4.25 -25.83
C SER B 133 -23.02 3.65 -25.06
N GLU B 134 -22.01 3.17 -25.77
CA GLU B 134 -20.84 2.60 -25.09
C GLU B 134 -19.60 3.33 -25.56
N ASP B 135 -19.13 4.26 -24.74
CA ASP B 135 -17.96 5.06 -25.09
C ASP B 135 -16.71 4.80 -24.26
N CYS B 136 -16.83 3.92 -23.27
CA CYS B 136 -15.70 3.57 -22.42
C CYS B 136 -15.25 2.14 -22.75
N VAL B 137 -14.13 1.71 -22.17
CA VAL B 137 -13.59 0.39 -22.45
C VAL B 137 -13.26 -0.40 -21.19
N GLU B 138 -13.68 -1.67 -21.17
CA GLU B 138 -13.40 -2.55 -20.04
C GLU B 138 -12.50 -3.68 -20.54
N ILE B 139 -11.62 -4.16 -19.68
CA ILE B 139 -10.75 -5.27 -20.04
C ILE B 139 -11.17 -6.45 -19.15
N PHE B 140 -11.41 -7.60 -19.78
CA PHE B 140 -11.84 -8.81 -19.07
C PHE B 140 -10.70 -9.59 -18.47
N THR B 141 -11.04 -10.64 -17.71
CA THR B 141 -10.02 -11.48 -17.10
C THR B 141 -9.22 -12.22 -18.16
N ASN B 142 -9.74 -12.29 -19.39
CA ASN B 142 -9.02 -12.96 -20.46
C ASN B 142 -8.16 -11.97 -21.25
N GLY B 143 -8.11 -10.73 -20.75
CA GLY B 143 -7.30 -9.70 -21.38
C GLY B 143 -7.91 -9.00 -22.58
N LYS B 144 -9.05 -9.48 -23.06
CA LYS B 144 -9.70 -8.86 -24.22
C LYS B 144 -10.48 -7.62 -23.82
N TRP B 145 -10.69 -6.72 -24.79
CA TRP B 145 -11.41 -5.47 -24.53
C TRP B 145 -12.84 -5.46 -25.08
N ASN B 146 -13.67 -4.62 -24.47
CA ASN B 146 -15.06 -4.46 -24.89
C ASN B 146 -15.49 -3.03 -24.58
N ASP B 147 -16.09 -2.35 -25.54
CA ASP B 147 -16.54 -1.01 -25.21
C ASP B 147 -17.78 -1.23 -24.34
N ARG B 148 -17.96 -0.36 -23.34
CA ARG B 148 -19.08 -0.52 -22.42
C ARG B 148 -19.55 0.84 -21.94
N ALA B 149 -20.77 0.90 -21.40
CA ALA B 149 -21.31 2.15 -20.90
C ALA B 149 -20.42 2.72 -19.80
N CYS B 150 -20.06 3.99 -19.93
CA CYS B 150 -19.20 4.67 -18.96
C CYS B 150 -19.82 4.75 -17.56
N GLY B 151 -21.14 4.62 -17.49
CA GLY B 151 -21.81 4.70 -16.21
C GLY B 151 -21.68 3.44 -15.36
N GLU B 152 -21.24 2.34 -15.97
CA GLU B 152 -21.07 1.08 -15.25
C GLU B 152 -19.90 1.21 -14.29
N LYS B 153 -19.88 0.36 -13.27
CA LYS B 153 -18.80 0.38 -12.28
C LYS B 153 -17.80 -0.73 -12.57
N ARG B 154 -16.53 -0.35 -12.71
CA ARG B 154 -15.49 -1.33 -13.00
C ARG B 154 -14.30 -1.13 -12.07
N LEU B 155 -13.48 -2.16 -11.93
CA LEU B 155 -12.29 -2.09 -11.08
C LEU B 155 -11.43 -0.90 -11.47
N VAL B 156 -11.01 -0.12 -10.48
CA VAL B 156 -10.19 1.06 -10.72
C VAL B 156 -8.70 0.67 -10.75
N VAL B 157 -8.06 0.91 -11.88
CA VAL B 157 -6.63 0.63 -12.03
C VAL B 157 -5.97 1.84 -12.67
N CYS B 158 -4.96 2.40 -12.01
CA CYS B 158 -4.26 3.57 -12.55
C CYS B 158 -2.86 3.18 -12.98
N GLU B 159 -2.25 4.01 -13.83
CA GLU B 159 -0.88 3.76 -14.26
C GLU B 159 -0.03 4.96 -13.85
N PHE B 160 1.20 4.68 -13.45
CA PHE B 160 2.13 5.70 -13.00
C PHE B 160 3.49 5.50 -13.68
N LEU C 12 33.81 22.31 -8.90
CA LEU C 12 33.57 20.89 -8.49
C LEU C 12 32.92 20.84 -7.11
N ARG C 13 33.48 21.60 -6.18
CA ARG C 13 32.98 21.64 -4.81
C ARG C 13 31.51 22.05 -4.75
N GLN C 14 31.11 22.99 -5.60
CA GLN C 14 29.73 23.45 -5.62
C GLN C 14 28.82 22.33 -6.12
N GLN C 15 29.35 21.46 -6.97
CA GLN C 15 28.59 20.35 -7.51
C GLN C 15 28.51 19.22 -6.50
N VAL C 16 29.65 18.89 -5.89
CA VAL C 16 29.70 17.82 -4.91
C VAL C 16 28.77 18.16 -3.74
N GLU C 17 28.77 19.42 -3.34
CA GLU C 17 27.93 19.89 -2.24
C GLU C 17 26.46 19.78 -2.64
N ALA C 18 26.20 19.86 -3.94
CA ALA C 18 24.83 19.76 -4.45
C ALA C 18 24.42 18.29 -4.40
N LEU C 19 25.33 17.41 -4.79
CA LEU C 19 25.08 15.98 -4.79
C LEU C 19 24.82 15.50 -3.37
N GLN C 20 25.58 16.05 -2.42
CA GLN C 20 25.40 15.68 -1.01
C GLN C 20 24.00 16.09 -0.59
N GLY C 21 23.58 17.27 -1.04
CA GLY C 21 22.25 17.75 -0.71
C GLY C 21 21.16 16.86 -1.27
N GLN C 22 21.39 16.33 -2.47
CA GLN C 22 20.41 15.45 -3.10
C GLN C 22 20.34 14.12 -2.36
N VAL C 23 21.51 13.58 -2.00
CA VAL C 23 21.56 12.31 -1.29
C VAL C 23 20.91 12.44 0.09
N GLN C 24 21.15 13.57 0.75
CA GLN C 24 20.57 13.80 2.07
C GLN C 24 19.06 13.90 1.97
N HIS C 25 18.59 14.57 0.93
CA HIS C 25 17.16 14.70 0.71
C HIS C 25 16.57 13.30 0.54
N LEU C 26 17.22 12.50 -0.31
CA LEU C 26 16.74 11.15 -0.56
C LEU C 26 16.72 10.27 0.68
N GLN C 27 17.76 10.36 1.51
CA GLN C 27 17.80 9.57 2.72
C GLN C 27 16.62 9.92 3.63
N ALA C 28 16.30 11.20 3.73
CA ALA C 28 15.19 11.63 4.58
C ALA C 28 13.85 11.25 3.98
N ALA C 29 13.70 11.46 2.67
CA ALA C 29 12.43 11.12 2.01
C ALA C 29 12.21 9.60 2.01
N PHE C 30 13.29 8.85 1.79
CA PHE C 30 13.17 7.40 1.74
C PHE C 30 12.79 6.83 3.09
N SER C 31 13.35 7.38 4.17
CA SER C 31 13.04 6.90 5.49
C SER C 31 11.56 7.14 5.80
N GLN C 32 11.04 8.29 5.39
CA GLN C 32 9.64 8.62 5.62
C GLN C 32 8.76 7.66 4.84
N TYR C 33 9.13 7.43 3.58
CA TYR C 33 8.39 6.54 2.71
C TYR C 33 8.32 5.10 3.22
N LYS C 34 9.39 4.62 3.84
CA LYS C 34 9.40 3.26 4.37
C LYS C 34 8.34 3.08 5.46
N LYS C 35 8.23 4.06 6.35
CA LYS C 35 7.24 3.97 7.42
C LYS C 35 5.83 3.97 6.83
N VAL C 36 5.64 4.78 5.80
CA VAL C 36 4.34 4.87 5.14
C VAL C 36 3.98 3.53 4.50
N GLU C 37 4.94 2.95 3.79
CA GLU C 37 4.72 1.67 3.12
C GLU C 37 4.32 0.55 4.08
N LEU C 38 5.05 0.43 5.18
CA LEU C 38 4.81 -0.61 6.16
C LEU C 38 3.50 -0.48 6.93
N PHE C 39 2.92 0.71 6.93
CA PHE C 39 1.65 0.93 7.63
C PHE C 39 0.47 0.68 6.68
N PRO C 40 -0.45 -0.23 7.05
CA PRO C 40 -0.48 -1.03 8.29
C PRO C 40 -0.27 -2.52 8.04
N ASN C 41 0.15 -2.88 6.83
CA ASN C 41 0.30 -4.30 6.49
C ASN C 41 1.69 -4.92 6.47
N GLY C 42 2.70 -4.20 6.93
CA GLY C 42 4.03 -4.77 6.90
C GLY C 42 4.78 -4.67 8.23
N GLN C 43 5.83 -5.45 8.35
CA GLN C 43 6.67 -5.47 9.55
C GLN C 43 8.10 -5.66 9.10
N SER C 44 9.00 -4.82 9.62
CA SER C 44 10.40 -4.89 9.29
C SER C 44 11.14 -5.49 10.49
N VAL C 45 12.01 -6.46 10.23
CA VAL C 45 12.78 -7.11 11.28
C VAL C 45 14.11 -7.50 10.69
N GLY C 46 15.16 -6.78 11.10
CA GLY C 46 16.48 -7.04 10.56
C GLY C 46 16.48 -6.57 9.12
N GLU C 47 16.93 -7.42 8.21
CA GLU C 47 16.95 -7.06 6.80
C GLU C 47 15.72 -7.61 6.09
N LYS C 48 14.86 -8.29 6.84
CA LYS C 48 13.66 -8.88 6.25
C LYS C 48 12.41 -8.04 6.44
N ILE C 49 11.46 -8.19 5.52
CA ILE C 49 10.20 -7.48 5.59
C ILE C 49 9.05 -8.44 5.33
N PHE C 50 8.11 -8.52 6.27
CA PHE C 50 6.93 -9.36 6.14
C PHE C 50 5.81 -8.42 5.71
N LYS C 51 5.00 -8.84 4.75
CA LYS C 51 3.87 -8.02 4.33
C LYS C 51 2.70 -8.92 4.00
N THR C 52 1.54 -8.59 4.55
CA THR C 52 0.35 -9.40 4.29
C THR C 52 -0.48 -8.79 3.16
N ALA C 53 -1.12 -9.66 2.37
CA ALA C 53 -1.98 -9.21 1.29
C ALA C 53 -3.33 -8.82 1.85
N GLY C 54 -3.58 -9.19 3.10
CA GLY C 54 -4.84 -8.86 3.74
C GLY C 54 -6.01 -9.78 3.43
N PHE C 55 -5.76 -10.90 2.76
CA PHE C 55 -6.82 -11.87 2.45
C PHE C 55 -6.27 -13.29 2.57
N VAL C 56 -7.15 -14.28 2.51
CA VAL C 56 -6.75 -15.68 2.63
C VAL C 56 -6.74 -16.45 1.31
N LYS C 57 -5.89 -17.48 1.25
CA LYS C 57 -5.76 -18.34 0.08
C LYS C 57 -5.21 -19.69 0.50
N PRO C 58 -5.45 -20.74 -0.31
CA PRO C 58 -4.92 -22.06 0.04
C PRO C 58 -3.41 -21.95 -0.12
N PHE C 59 -2.65 -22.90 0.41
CA PHE C 59 -1.20 -22.85 0.33
C PHE C 59 -0.61 -22.65 -1.08
N THR C 60 -0.94 -23.55 -2.00
CA THR C 60 -0.44 -23.46 -3.36
C THR C 60 -0.61 -22.07 -3.97
N GLU C 61 -1.80 -21.50 -3.80
CA GLU C 61 -2.09 -20.17 -4.33
C GLU C 61 -1.29 -19.08 -3.64
N ALA C 62 -1.22 -19.16 -2.31
CA ALA C 62 -0.47 -18.16 -1.54
C ALA C 62 1.01 -18.19 -1.91
N GLN C 63 1.53 -19.40 -2.09
CA GLN C 63 2.94 -19.59 -2.45
C GLN C 63 3.25 -18.95 -3.80
N LEU C 64 2.36 -19.14 -4.78
CA LEU C 64 2.56 -18.59 -6.11
C LEU C 64 2.53 -17.06 -6.06
N LEU C 65 1.60 -16.51 -5.28
CA LEU C 65 1.47 -15.07 -5.15
C LEU C 65 2.77 -14.44 -4.66
N CYS C 66 3.39 -15.06 -3.66
CA CYS C 66 4.65 -14.56 -3.11
C CYS C 66 5.81 -14.69 -4.08
N THR C 67 5.90 -15.84 -4.75
CA THR C 67 6.99 -16.07 -5.70
C THR C 67 6.89 -15.12 -6.89
N GLN C 68 5.68 -14.91 -7.38
CA GLN C 68 5.46 -14.01 -8.51
C GLN C 68 5.72 -12.57 -8.13
N ALA C 69 5.66 -12.26 -6.84
CA ALA C 69 5.91 -10.90 -6.37
C ALA C 69 7.41 -10.70 -6.11
N GLY C 70 8.20 -11.74 -6.34
CA GLY C 70 9.63 -11.64 -6.13
C GLY C 70 10.10 -12.05 -4.75
N GLY C 71 9.21 -12.66 -3.97
CA GLY C 71 9.58 -13.10 -2.63
C GLY C 71 9.16 -14.54 -2.40
N GLN C 72 8.76 -14.84 -1.17
CA GLN C 72 8.29 -16.19 -0.82
C GLN C 72 7.42 -16.08 0.43
N LEU C 73 6.73 -17.17 0.77
CA LEU C 73 5.88 -17.19 1.95
C LEU C 73 6.71 -16.91 3.20
N ALA C 74 6.06 -16.34 4.21
CA ALA C 74 6.73 -16.02 5.47
C ALA C 74 7.52 -17.21 5.99
N SER C 75 8.80 -17.00 6.25
CA SER C 75 9.69 -18.04 6.73
C SER C 75 10.48 -17.56 7.95
N PRO C 76 9.81 -17.43 9.11
CA PRO C 76 10.50 -16.96 10.31
C PRO C 76 11.64 -17.91 10.70
N ARG C 77 12.84 -17.35 10.85
CA ARG C 77 14.03 -18.14 11.18
C ARG C 77 14.57 -17.87 12.58
N SER C 78 13.82 -17.12 13.38
CA SER C 78 14.25 -16.80 14.74
C SER C 78 13.07 -16.29 15.53
N ALA C 79 13.23 -16.22 16.85
CA ALA C 79 12.18 -15.74 17.73
C ALA C 79 11.81 -14.31 17.35
N ALA C 80 12.81 -13.52 16.97
CA ALA C 80 12.57 -12.14 16.59
C ALA C 80 11.70 -12.03 15.34
N GLU C 81 11.99 -12.83 14.33
CA GLU C 81 11.20 -12.79 13.11
C GLU C 81 9.80 -13.32 13.37
N ASN C 82 9.70 -14.38 14.19
CA ASN C 82 8.40 -14.95 14.48
C ASN C 82 7.50 -13.95 15.20
N ALA C 83 8.10 -13.16 16.08
CA ALA C 83 7.35 -12.16 16.83
C ALA C 83 6.86 -11.09 15.86
N ALA C 84 7.71 -10.72 14.91
CA ALA C 84 7.38 -9.72 13.91
C ALA C 84 6.19 -10.19 13.06
N LEU C 85 6.25 -11.43 12.62
CA LEU C 85 5.18 -12.02 11.81
C LEU C 85 3.90 -12.15 12.63
N GLN C 86 4.04 -12.48 13.90
CA GLN C 86 2.90 -12.64 14.80
C GLN C 86 2.09 -11.35 14.88
N GLN C 87 2.78 -10.21 14.87
CA GLN C 87 2.09 -8.92 14.93
C GLN C 87 1.09 -8.75 13.80
N LEU C 88 1.46 -9.18 12.60
CA LEU C 88 0.56 -9.08 11.46
C LEU C 88 -0.62 -10.03 11.62
N VAL C 89 -0.35 -11.23 12.13
CA VAL C 89 -1.40 -12.22 12.35
C VAL C 89 -2.39 -11.67 13.37
N VAL C 90 -1.87 -11.14 14.48
CA VAL C 90 -2.71 -10.56 15.52
C VAL C 90 -3.54 -9.39 15.00
N ALA C 91 -2.89 -8.51 14.24
CA ALA C 91 -3.58 -7.35 13.68
C ALA C 91 -4.77 -7.75 12.81
N LYS C 92 -4.57 -8.72 11.93
CA LYS C 92 -5.65 -9.15 11.04
C LYS C 92 -6.53 -10.20 11.70
N ASN C 93 -6.08 -10.70 12.84
CA ASN C 93 -6.81 -11.74 13.58
C ASN C 93 -7.10 -12.92 12.64
N GLU C 94 -6.09 -13.32 11.90
CA GLU C 94 -6.20 -14.45 10.96
C GLU C 94 -4.90 -15.23 10.93
N ALA C 95 -4.96 -16.53 11.27
CA ALA C 95 -3.77 -17.37 11.24
C ALA C 95 -3.25 -17.38 9.81
N ALA C 96 -1.94 -17.45 9.66
CA ALA C 96 -1.31 -17.43 8.35
C ALA C 96 -0.48 -18.67 8.03
N PHE C 97 -0.25 -18.90 6.75
CA PHE C 97 0.58 -20.01 6.30
C PHE C 97 2.04 -19.58 6.33
N LEU C 98 2.91 -20.53 6.64
CA LEU C 98 4.35 -20.29 6.61
C LEU C 98 4.76 -20.95 5.29
N SER C 99 6.01 -20.80 4.88
CA SER C 99 6.47 -21.37 3.62
C SER C 99 6.84 -22.86 3.69
N MET C 100 7.14 -23.32 4.89
CA MET C 100 7.61 -24.69 5.12
C MET C 100 6.58 -25.81 5.05
N THR C 101 7.02 -26.96 4.54
CA THR C 101 6.16 -28.14 4.42
C THR C 101 7.00 -29.42 4.55
N ASP C 102 6.32 -30.54 4.78
CA ASP C 102 7.00 -31.83 4.85
C ASP C 102 6.35 -32.72 3.79
N SER C 103 6.00 -32.10 2.67
CA SER C 103 5.36 -32.78 1.54
C SER C 103 6.29 -33.79 0.88
N LYS C 104 7.60 -33.52 0.93
CA LYS C 104 8.56 -34.42 0.33
C LYS C 104 8.80 -35.64 1.22
N THR C 105 9.21 -35.37 2.46
CA THR C 105 9.46 -36.43 3.43
C THR C 105 8.62 -36.20 4.68
N GLU C 106 7.59 -37.01 4.84
CA GLU C 106 6.70 -36.90 6.00
C GLU C 106 7.48 -36.89 7.30
N GLY C 107 7.16 -35.93 8.16
CA GLY C 107 7.84 -35.83 9.45
C GLY C 107 9.05 -34.92 9.44
N LYS C 108 9.41 -34.42 8.26
CA LYS C 108 10.56 -33.54 8.11
C LYS C 108 10.19 -32.28 7.36
N PHE C 109 10.00 -31.18 8.09
CA PHE C 109 9.64 -29.91 7.46
C PHE C 109 10.87 -29.18 6.92
N THR C 110 10.71 -28.58 5.75
CA THR C 110 11.80 -27.87 5.08
C THR C 110 11.34 -26.56 4.46
N TYR C 111 12.30 -25.70 4.13
CA TYR C 111 12.03 -24.42 3.50
C TYR C 111 11.84 -24.72 2.02
N PRO C 112 11.38 -23.74 1.22
CA PRO C 112 11.18 -23.98 -0.21
C PRO C 112 12.41 -24.50 -0.95
N THR C 113 13.60 -24.13 -0.47
CA THR C 113 14.84 -24.57 -1.09
C THR C 113 15.12 -26.04 -0.83
N GLY C 114 14.59 -26.56 0.26
CA GLY C 114 14.79 -27.95 0.60
C GLY C 114 15.55 -28.16 1.90
N GLU C 115 16.13 -27.08 2.42
CA GLU C 115 16.89 -27.13 3.66
C GLU C 115 16.00 -27.37 4.87
N SER C 116 16.57 -27.99 5.90
CA SER C 116 15.83 -28.27 7.13
C SER C 116 15.67 -27.01 7.96
N LEU C 117 14.68 -27.01 8.85
CA LEU C 117 14.40 -25.86 9.70
C LEU C 117 15.57 -25.51 10.61
N VAL C 118 15.78 -24.21 10.82
CA VAL C 118 16.84 -23.72 11.68
C VAL C 118 16.19 -23.10 12.91
N TYR C 119 14.86 -23.07 12.90
CA TYR C 119 14.05 -22.53 13.98
C TYR C 119 12.64 -23.09 13.88
N SER C 120 11.98 -23.24 15.02
CA SER C 120 10.61 -23.74 15.05
C SER C 120 9.93 -23.25 16.33
N ASN C 121 8.60 -23.12 16.27
CA ASN C 121 7.83 -22.65 17.42
C ASN C 121 6.51 -23.43 17.50
N TRP C 122 6.61 -24.75 17.35
CA TRP C 122 5.43 -25.62 17.40
C TRP C 122 4.62 -25.55 18.69
N ALA C 123 3.31 -25.65 18.57
CA ALA C 123 2.44 -25.67 19.73
C ALA C 123 2.64 -27.08 20.28
N PRO C 124 2.32 -27.30 21.56
CA PRO C 124 2.47 -28.62 22.20
C PRO C 124 1.87 -29.79 21.41
N GLY C 125 2.67 -30.83 21.19
CA GLY C 125 2.18 -32.00 20.47
C GLY C 125 2.27 -31.91 18.95
N GLU C 126 2.57 -30.72 18.44
CA GLU C 126 2.68 -30.49 17.00
C GLU C 126 4.14 -30.60 16.55
N PRO C 127 4.39 -31.00 15.30
CA PRO C 127 3.42 -31.36 14.25
C PRO C 127 2.89 -32.79 14.47
N ASN C 128 1.60 -33.01 14.24
CA ASN C 128 1.01 -34.34 14.46
C ASN C 128 0.37 -34.98 13.23
N ASP C 129 0.56 -34.38 12.06
CA ASP C 129 0.00 -34.90 10.81
C ASP C 129 -1.40 -35.50 11.04
N ASP C 130 -2.28 -34.69 11.63
CA ASP C 130 -3.63 -35.12 11.94
C ASP C 130 -4.36 -35.68 10.72
N GLY C 131 -4.99 -36.83 10.89
CA GLY C 131 -5.71 -37.45 9.79
C GLY C 131 -4.78 -37.97 8.71
N GLY C 132 -3.48 -37.92 9.00
CA GLY C 132 -2.48 -38.38 8.05
C GLY C 132 -2.36 -37.49 6.83
N SER C 133 -2.73 -36.21 6.97
CA SER C 133 -2.68 -35.30 5.84
C SER C 133 -2.44 -33.81 6.12
N GLU C 134 -1.51 -33.50 7.01
CA GLU C 134 -1.19 -32.09 7.29
C GLU C 134 0.27 -31.84 6.94
N ASP C 135 0.51 -31.27 5.77
CA ASP C 135 1.88 -31.00 5.33
C ASP C 135 2.29 -29.54 5.31
N CYS C 136 1.35 -28.65 5.60
CA CYS C 136 1.66 -27.23 5.64
C CYS C 136 1.67 -26.74 7.08
N VAL C 137 2.00 -25.47 7.29
CA VAL C 137 2.09 -24.93 8.63
C VAL C 137 1.41 -23.58 8.79
N GLU C 138 0.62 -23.45 9.85
CA GLU C 138 -0.08 -22.20 10.12
C GLU C 138 0.45 -21.62 11.43
N ILE C 139 0.48 -20.30 11.51
CA ILE C 139 0.93 -19.64 12.73
C ILE C 139 -0.28 -18.93 13.35
N PHE C 140 -0.53 -19.20 14.62
CA PHE C 140 -1.67 -18.63 15.34
C PHE C 140 -1.39 -17.23 15.85
N THR C 141 -2.42 -16.62 16.43
CA THR C 141 -2.30 -15.28 16.99
C THR C 141 -1.32 -15.29 18.18
N ASN C 142 -1.15 -16.45 18.80
CA ASN C 142 -0.22 -16.57 19.92
C ASN C 142 1.20 -16.84 19.44
N GLY C 143 1.38 -16.88 18.12
CA GLY C 143 2.70 -17.12 17.55
C GLY C 143 3.12 -18.57 17.42
N LYS C 144 2.35 -19.49 18.01
CA LYS C 144 2.67 -20.91 17.94
C LYS C 144 2.29 -21.51 16.59
N TRP C 145 3.02 -22.54 16.18
CA TRP C 145 2.78 -23.21 14.91
C TRP C 145 2.01 -24.51 15.04
N ASN C 146 1.31 -24.85 13.97
CA ASN C 146 0.53 -26.08 13.90
C ASN C 146 0.55 -26.56 12.46
N ASP C 147 0.86 -27.84 12.22
CA ASP C 147 0.83 -28.31 10.84
C ASP C 147 -0.65 -28.44 10.49
N ARG C 148 -1.02 -28.03 9.27
CA ARG C 148 -2.42 -28.06 8.88
C ARG C 148 -2.55 -28.44 7.42
N ALA C 149 -3.74 -28.88 7.02
CA ALA C 149 -3.97 -29.28 5.64
C ALA C 149 -3.70 -28.11 4.71
N CYS C 150 -2.86 -28.33 3.71
CA CYS C 150 -2.49 -27.30 2.74
C CYS C 150 -3.68 -26.74 1.96
N GLY C 151 -4.77 -27.49 1.90
CA GLY C 151 -5.94 -27.04 1.18
C GLY C 151 -6.76 -26.01 1.93
N GLU C 152 -6.45 -25.81 3.21
CA GLU C 152 -7.17 -24.83 4.00
C GLU C 152 -6.76 -23.42 3.57
N LYS C 153 -7.64 -22.45 3.79
CA LYS C 153 -7.35 -21.07 3.41
C LYS C 153 -6.83 -20.31 4.62
N ARG C 154 -5.69 -19.65 4.47
CA ARG C 154 -5.09 -18.89 5.56
C ARG C 154 -4.59 -17.54 5.06
N LEU C 155 -4.33 -16.64 5.99
CA LEU C 155 -3.84 -15.30 5.65
C LEU C 155 -2.56 -15.39 4.84
N VAL C 156 -2.50 -14.66 3.73
CA VAL C 156 -1.31 -14.66 2.88
C VAL C 156 -0.32 -13.62 3.39
N VAL C 157 0.88 -14.08 3.75
CA VAL C 157 1.94 -13.20 4.23
C VAL C 157 3.24 -13.60 3.55
N CYS C 158 3.84 -12.66 2.81
CA CYS C 158 5.09 -12.94 2.11
C CYS C 158 6.23 -12.22 2.80
N GLU C 159 7.45 -12.62 2.49
CA GLU C 159 8.62 -11.96 3.04
C GLU C 159 9.48 -11.50 1.88
N PHE C 160 10.13 -10.36 2.07
CA PHE C 160 11.00 -9.79 1.05
C PHE C 160 12.30 -9.33 1.68
#